data_4NQW
#
_entry.id   4NQW
#
_cell.length_a   57.390
_cell.length_b   57.390
_cell.length_c   150.870
_cell.angle_alpha   90.00
_cell.angle_beta   90.00
_cell.angle_gamma   90.00
#
_symmetry.space_group_name_H-M   'P 41 21 2'
#
loop_
_entity.id
_entity.type
_entity.pdbx_description
1 polymer 'ECF RNA polymerase sigma factor SigK'
2 polymer 'Anti-sigma-K factor RskA'
3 non-polymer 'CADMIUM ION'
4 water water
#
loop_
_entity_poly.entity_id
_entity_poly.type
_entity_poly.pdbx_seq_one_letter_code
_entity_poly.pdbx_strand_id
1 'polypeptide(L)'
;MGSSHHHHHHSQDPNSSMTGPPRLSSDLDALLRRVAGHDQAAFAEFYDHTKSRVYGLVMRVLRDTGYSEETTQEIYLEVW
RNASEFDSAKGSALAWLLTMAHRRAVDRVRCEQAGNQREVRYGAANVDPASDVVADLAIAGDERRRVTECLKALTDTQRQ
CIELAYYGGLTYVEVSRRLAANLSTIKSRMRDALRSLRNCLDVS
;
A
2 'polypeptide(L)' MTEHTDFELLELATPYALNAVSDDERADIDRRVAAAPSPVAAAFNDEVRAVRETMAVVSAATTAEPPAHLRTAILDATKP B
#
# COMPACT_ATOMS: atom_id res chain seq x y z
N ASP A 27 -16.12 2.85 10.31
CA ASP A 27 -16.28 1.71 11.28
C ASP A 27 -15.07 0.77 11.31
N LEU A 28 -14.37 0.68 10.18
CA LEU A 28 -13.15 -0.12 10.08
C LEU A 28 -12.04 0.52 10.93
N ASP A 29 -12.09 1.84 11.04
CA ASP A 29 -11.20 2.59 11.93
C ASP A 29 -11.52 2.27 13.38
N ALA A 30 -12.80 2.19 13.70
CA ALA A 30 -13.25 1.82 15.05
C ALA A 30 -12.90 0.38 15.41
N LEU A 31 -12.94 -0.52 14.42
CA LEU A 31 -12.53 -1.91 14.62
C LEU A 31 -11.04 -2.00 14.96
N LEU A 32 -10.23 -1.29 14.18
CA LEU A 32 -8.78 -1.27 14.40
C LEU A 32 -8.45 -0.59 15.73
N ARG A 33 -9.28 0.37 16.12
CA ARG A 33 -9.11 1.05 17.40
C ARG A 33 -9.35 0.09 18.58
N ARG A 34 -10.19 -0.92 18.35
CA ARG A 34 -10.50 -1.91 19.39
C ARG A 34 -9.51 -3.07 19.48
N VAL A 35 -8.66 -3.27 18.47
CA VAL A 35 -7.70 -4.38 18.50
C VAL A 35 -6.42 -4.07 19.32
N ALA A 36 -6.35 -2.87 19.90
CA ALA A 36 -5.29 -2.53 20.84
C ALA A 36 -5.83 -1.66 21.97
N HIS A 38 -5.43 -3.62 23.87
N HIS A 38 -5.36 -4.34 24.80
CA HIS A 38 -5.15 -5.05 23.90
CA HIS A 38 -4.97 -5.04 23.57
C HIS A 38 -6.32 -5.78 23.24
C HIS A 38 -6.17 -5.80 22.97
N ASP A 39 -6.23 -7.11 23.19
CA ASP A 39 -7.21 -8.01 22.52
C ASP A 39 -8.71 -7.65 22.33
N GLN A 40 -9.33 -8.32 21.35
CA GLN A 40 -10.74 -8.15 21.00
C GLN A 40 -11.16 -9.21 19.96
N ALA A 41 -12.47 -9.48 19.88
CA ALA A 41 -13.03 -10.31 18.81
C ALA A 41 -13.28 -9.49 17.53
N ALA A 42 -12.76 -8.26 17.51
CA ALA A 42 -12.91 -7.34 16.38
C ALA A 42 -11.76 -7.56 15.41
N PHE A 43 -10.67 -8.12 15.92
CA PHE A 43 -9.57 -8.58 15.08
C PHE A 43 -10.07 -9.62 14.06
N ALA A 44 -10.95 -10.50 14.53
CA ALA A 44 -11.62 -11.46 13.65
C ALA A 44 -12.47 -10.76 12.59
N GLU A 45 -13.18 -9.71 13.01
CA GLU A 45 -14.02 -8.93 12.09
C GLU A 45 -13.19 -8.03 11.18
N PHE A 46 -12.14 -7.43 11.73
CA PHE A 46 -11.19 -6.63 10.95
C PHE A 46 -10.55 -7.49 9.87
N TYR A 47 -10.16 -8.70 10.24
CA TYR A 47 -9.59 -9.66 9.30
C TYR A 47 -10.61 -10.08 8.24
N ASP A 48 -11.79 -10.50 8.68
CA ASP A 48 -12.84 -10.98 7.77
C ASP A 48 -13.22 -9.98 6.67
N HIS A 49 -13.23 -8.70 7.01
CA HIS A 49 -13.66 -7.66 6.08
C HIS A 49 -12.55 -7.22 5.11
N THR A 50 -11.29 -7.47 5.48
CA THR A 50 -10.14 -7.02 4.69
C THR A 50 -9.34 -8.13 3.99
N LYS A 51 -9.56 -9.38 4.38
CA LYS A 51 -8.68 -10.49 3.98
C LYS A 51 -8.53 -10.69 2.46
N SER A 52 -9.63 -10.55 1.71
CA SER A 52 -9.58 -10.77 0.27
C SER A 52 -8.75 -9.69 -0.45
N ARG A 53 -8.78 -8.47 0.07
CA ARG A 53 -7.99 -7.38 -0.51
C ARG A 53 -6.51 -7.50 -0.15
N VAL A 54 -6.19 -7.91 1.07
CA VAL A 54 -4.79 -8.11 1.47
C VAL A 54 -4.19 -9.32 0.75
N TYR A 55 -4.87 -10.45 0.84
CA TYR A 55 -4.40 -11.70 0.22
C TYR A 55 -4.26 -11.55 -1.30
N GLY A 56 -5.24 -10.89 -1.92
CA GLY A 56 -5.21 -10.63 -3.35
C GLY A 56 -4.05 -9.76 -3.80
N LEU A 57 -3.72 -8.75 -2.99
CA LEU A 57 -2.59 -7.88 -3.31
C LEU A 57 -1.28 -8.66 -3.20
N VAL A 58 -1.12 -9.38 -2.10
CA VAL A 58 0.08 -10.19 -1.88
C VAL A 58 0.24 -11.23 -2.99
N MET A 59 -0.83 -11.96 -3.30
CA MET A 59 -0.84 -12.90 -4.43
C MET A 59 -0.36 -12.23 -5.71
N ARG A 60 -0.90 -11.05 -5.99
CA ARG A 60 -0.53 -10.29 -7.18
C ARG A 60 0.96 -10.00 -7.26
N VAL A 61 1.55 -9.61 -6.14
CA VAL A 61 2.96 -9.22 -6.09
C VAL A 61 3.89 -10.44 -6.09
N LEU A 62 3.60 -11.41 -5.23
CA LEU A 62 4.47 -12.59 -5.07
C LEU A 62 4.20 -13.70 -6.09
N ARG A 63 2.93 -13.89 -6.45
CA ARG A 63 2.49 -14.95 -7.38
C ARG A 63 2.94 -16.35 -6.93
N ASP A 64 2.74 -16.63 -5.65
CA ASP A 64 3.03 -17.93 -5.08
C ASP A 64 2.09 -18.12 -3.89
N THR A 65 1.24 -19.15 -3.96
CA THR A 65 0.23 -19.39 -2.93
C THR A 65 0.86 -19.57 -1.56
N GLY A 66 1.89 -20.41 -1.48
CA GLY A 66 2.55 -20.71 -0.21
C GLY A 66 3.10 -19.51 0.51
N TYR A 67 3.94 -18.74 -0.16
CA TYR A 67 4.54 -17.54 0.42
C TYR A 67 3.52 -16.42 0.61
N SER A 68 2.49 -16.36 -0.24
CA SER A 68 1.42 -15.38 -0.08
C SER A 68 0.61 -15.61 1.19
N GLU A 69 0.40 -16.88 1.53
CA GLU A 69 -0.25 -17.24 2.79
C GLU A 69 0.60 -16.82 3.99
N GLU A 70 1.88 -17.17 3.96
CA GLU A 70 2.79 -16.83 5.05
C GLU A 70 2.96 -15.32 5.24
N THR A 71 3.07 -14.60 4.13
CA THR A 71 3.18 -13.15 4.16
C THR A 71 1.92 -12.50 4.74
N THR A 72 0.75 -13.01 4.34
CA THR A 72 -0.52 -12.52 4.86
C THR A 72 -0.62 -12.70 6.38
N GLN A 73 -0.12 -13.82 6.90
CA GLN A 73 -0.06 -14.06 8.34
C GLN A 73 0.83 -13.03 9.03
N GLU A 74 2.02 -12.80 8.48
CA GLU A 74 2.94 -11.81 9.02
C GLU A 74 2.28 -10.44 9.08
N ILE A 75 1.50 -10.11 8.04
CA ILE A 75 0.83 -8.81 7.95
C ILE A 75 -0.17 -8.63 9.09
N TYR A 76 -1.04 -9.62 9.30
CA TYR A 76 -2.05 -9.53 10.37
C TYR A 76 -1.45 -9.72 11.77
N LEU A 77 -0.29 -10.35 11.87
CA LEU A 77 0.45 -10.38 13.13
C LEU A 77 0.95 -8.96 13.45
N GLU A 78 1.46 -8.25 12.44
CA GLU A 78 1.88 -6.85 12.63
C GLU A 78 0.69 -5.95 12.95
N VAL A 79 -0.45 -6.20 12.31
CA VAL A 79 -1.68 -5.46 12.61
C VAL A 79 -1.94 -5.56 14.11
N TRP A 80 -2.01 -6.80 14.60
CA TRP A 80 -2.24 -7.08 16.01
C TRP A 80 -1.26 -6.38 16.95
N ARG A 81 0.03 -6.47 16.63
CA ARG A 81 1.07 -5.99 17.52
C ARG A 81 1.22 -4.46 17.48
N ASN A 82 1.20 -3.90 16.28
CA ASN A 82 1.41 -2.46 16.09
C ASN A 82 0.12 -1.64 15.91
N ALA A 83 -1.03 -2.21 16.26
CA ALA A 83 -2.31 -1.51 16.11
C ALA A 83 -2.42 -0.25 16.97
N SER A 84 -1.65 -0.22 18.07
CA SER A 84 -1.62 0.96 18.94
C SER A 84 -0.94 2.15 18.28
N GLU A 85 -0.12 1.90 17.26
CA GLU A 85 0.52 2.97 16.48
C GLU A 85 -0.45 3.66 15.53
N PHE A 86 -1.57 3.00 15.22
CA PHE A 86 -2.55 3.53 14.29
C PHE A 86 -3.19 4.84 14.78
N ASP A 87 -3.22 5.83 13.90
CA ASP A 87 -3.85 7.12 14.16
C ASP A 87 -4.78 7.44 12.97
N SER A 88 -6.08 7.35 13.19
CA SER A 88 -7.06 7.55 12.11
C SER A 88 -7.01 8.96 11.52
N ALA A 89 -6.51 9.92 12.30
CA ALA A 89 -6.32 11.29 11.83
C ALA A 89 -5.07 11.44 10.93
N LYS A 90 -4.33 10.36 10.71
CA LYS A 90 -3.23 10.35 9.74
C LYS A 90 -3.63 9.62 8.45
N GLY A 91 -4.68 8.82 8.50
CA GLY A 91 -5.14 8.04 7.35
C GLY A 91 -6.10 6.94 7.76
N SER A 92 -6.79 6.36 6.78
CA SER A 92 -7.77 5.32 7.04
C SER A 92 -7.12 4.02 7.53
N ALA A 93 -7.88 3.22 8.26
CA ALA A 93 -7.43 1.90 8.70
C ALA A 93 -7.09 1.03 7.50
N LEU A 94 -7.90 1.15 6.44
CA LEU A 94 -7.72 0.37 5.22
C LEU A 94 -6.36 0.69 4.59
N ALA A 95 -6.07 2.00 4.45
CA ALA A 95 -4.81 2.46 3.88
C ALA A 95 -3.62 2.02 4.74
N TRP A 96 -3.77 2.10 6.06
CA TRP A 96 -2.76 1.67 7.01
C TRP A 96 -2.42 0.19 6.82
N LEU A 97 -3.46 -0.62 6.63
CA LEU A 97 -3.32 -2.07 6.43
C LEU A 97 -2.72 -2.42 5.07
N LEU A 98 -3.28 -1.87 4.00
CA LEU A 98 -2.81 -2.20 2.65
C LEU A 98 -1.40 -1.69 2.37
N THR A 99 -1.05 -0.55 2.96
CA THR A 99 0.29 0.02 2.81
C THR A 99 1.35 -0.87 3.45
N MET A 100 1.08 -1.38 4.65
CA MET A 100 2.01 -2.28 5.33
C MET A 100 2.07 -3.65 4.64
N ALA A 101 0.96 -4.06 4.04
CA ALA A 101 0.88 -5.32 3.29
C ALA A 101 1.71 -5.24 2.01
N HIS A 102 1.58 -4.11 1.31
CA HIS A 102 2.35 -3.87 0.10
C HIS A 102 3.84 -3.77 0.38
N ARG A 103 4.17 -3.04 1.44
CA ARG A 103 5.57 -2.88 1.84
C ARG A 103 6.21 -4.25 2.12
N ARG A 104 5.45 -5.14 2.76
CA ARG A 104 5.96 -6.46 3.11
C ARG A 104 6.12 -7.37 1.89
N ALA A 105 5.12 -7.34 1.00
CA ALA A 105 5.17 -8.14 -0.23
C ALA A 105 6.29 -7.68 -1.17
N VAL A 106 6.41 -6.37 -1.38
CA VAL A 106 7.45 -5.80 -2.23
C VAL A 106 8.83 -6.13 -1.67
N ASP A 107 8.99 -5.97 -0.36
CA ASP A 107 10.22 -6.36 0.32
C ASP A 107 10.59 -7.82 0.02
N ARG A 108 9.59 -8.70 0.08
CA ARG A 108 9.77 -10.13 -0.21
C ARG A 108 10.40 -10.36 -1.59
N VAL A 109 9.94 -9.58 -2.57
CA VAL A 109 10.46 -9.66 -3.94
C VAL A 109 11.88 -9.12 -4.04
N ARG A 110 12.15 -7.99 -3.40
CA ARG A 110 13.46 -7.34 -3.46
C ARG A 110 14.51 -8.07 -2.64
N CYS A 111 14.24 -8.23 -1.34
CA CYS A 111 15.19 -8.91 -0.45
C CYS A 111 15.55 -10.30 -0.96
N GLU A 112 14.56 -10.99 -1.55
CA GLU A 112 14.78 -12.29 -2.18
C GLU A 112 14.68 -12.19 -3.70
N ALA A 140 -18.92 -5.15 -4.61
CA ALA A 140 -18.00 -6.29 -4.51
C ALA A 140 -17.18 -6.42 -5.79
N GLY A 141 -17.72 -7.13 -6.78
CA GLY A 141 -17.14 -7.14 -8.13
C GLY A 141 -17.49 -5.86 -8.87
N ASP A 142 -18.43 -5.08 -8.34
CA ASP A 142 -18.77 -3.75 -8.88
C ASP A 142 -17.67 -2.73 -8.57
N GLU A 143 -17.18 -2.73 -7.33
CA GLU A 143 -16.07 -1.86 -6.95
C GLU A 143 -14.81 -2.28 -7.70
N ARG A 144 -14.65 -3.59 -7.93
CA ARG A 144 -13.53 -4.14 -8.70
C ARG A 144 -13.51 -3.59 -10.13
N ARG A 145 -14.64 -3.67 -10.81
CA ARG A 145 -14.74 -3.21 -12.20
C ARG A 145 -14.73 -1.68 -12.34
N ARG A 146 -15.16 -0.98 -11.29
CA ARG A 146 -15.07 0.48 -11.24
C ARG A 146 -13.60 0.92 -11.28
N VAL A 147 -12.77 0.25 -10.48
CA VAL A 147 -11.35 0.56 -10.40
C VAL A 147 -10.61 0.16 -11.67
N THR A 148 -10.96 -1.00 -12.22
CA THR A 148 -10.36 -1.50 -13.45
C THR A 148 -10.57 -0.54 -14.63
N GLU A 149 -11.75 0.09 -14.68
CA GLU A 149 -12.03 1.11 -15.71
C GLU A 149 -11.06 2.30 -15.58
N CYS A 150 -10.83 2.75 -14.35
CA CYS A 150 -9.94 3.88 -14.09
C CYS A 150 -8.48 3.55 -14.42
N LEU A 151 -8.05 2.34 -14.06
CA LEU A 151 -6.73 1.85 -14.44
C LEU A 151 -6.57 1.74 -15.96
N LYS A 152 -7.62 1.28 -16.62
CA LYS A 152 -7.65 1.18 -18.09
C LYS A 152 -7.74 2.55 -18.78
N ALA A 153 -8.26 3.55 -18.08
CA ALA A 153 -8.39 4.90 -18.61
C ALA A 153 -7.08 5.71 -18.53
N LEU A 154 -6.10 5.20 -17.78
CA LEU A 154 -4.77 5.81 -17.74
C LEU A 154 -4.08 5.67 -19.08
N THR A 155 -3.17 6.58 -19.38
CA THR A 155 -2.34 6.48 -20.58
C THR A 155 -1.40 5.29 -20.41
N ASP A 156 -0.85 4.80 -21.52
CA ASP A 156 0.02 3.61 -21.48
C ASP A 156 1.23 3.81 -20.56
N THR A 157 1.89 4.97 -20.67
CA THR A 157 3.02 5.30 -19.80
C THR A 157 2.64 5.38 -18.33
N GLN A 158 1.48 5.98 -18.05
CA GLN A 158 1.01 6.14 -16.67
C GLN A 158 0.57 4.81 -16.05
N ARG A 159 -0.04 3.94 -16.86
CA ARG A 159 -0.39 2.59 -16.42
C ARG A 159 0.88 1.74 -16.19
N GLN A 160 1.85 1.92 -17.07
CA GLN A 160 3.13 1.20 -16.99
C GLN A 160 3.92 1.54 -15.72
N CYS A 161 3.87 2.80 -15.30
CA CYS A 161 4.55 3.24 -14.08
C CYS A 161 4.02 2.52 -12.84
N ILE A 162 2.70 2.47 -12.72
CA ILE A 162 2.06 1.77 -11.60
C ILE A 162 2.30 0.26 -11.70
N GLU A 163 2.25 -0.28 -12.91
CA GLU A 163 2.46 -1.71 -13.14
C GLU A 163 3.85 -2.16 -12.66
N LEU A 164 4.88 -1.41 -13.05
CA LEU A 164 6.26 -1.76 -12.71
C LEU A 164 6.60 -1.44 -11.25
N ALA A 165 6.23 -0.25 -10.79
CA ALA A 165 6.58 0.20 -9.44
C ALA A 165 5.76 -0.51 -8.37
N TYR A 166 4.44 -0.41 -8.49
CA TYR A 166 3.53 -0.94 -7.48
C TYR A 166 3.47 -2.48 -7.53
N TYR A 167 3.01 -3.03 -8.64
CA TYR A 167 2.86 -4.50 -8.75
C TYR A 167 4.18 -5.23 -8.97
N GLY A 168 5.04 -4.68 -9.81
CA GLY A 168 6.35 -5.29 -10.10
C GLY A 168 7.39 -5.09 -9.00
N GLY A 169 7.14 -4.15 -8.09
CA GLY A 169 8.02 -3.91 -6.95
C GLY A 169 9.28 -3.12 -7.26
N LEU A 170 9.35 -2.54 -8.46
CA LEU A 170 10.52 -1.75 -8.86
C LEU A 170 10.54 -0.40 -8.17
N THR A 171 11.73 0.09 -7.86
CA THR A 171 11.91 1.45 -7.34
C THR A 171 11.82 2.42 -8.52
N TYR A 172 11.52 3.68 -8.25
CA TYR A 172 11.38 4.67 -9.33
C TYR A 172 12.69 4.84 -10.11
N VAL A 173 13.82 4.63 -9.44
CA VAL A 173 15.13 4.62 -10.09
C VAL A 173 15.21 3.46 -11.08
N GLU A 174 14.84 2.27 -10.62
CA GLU A 174 14.82 1.08 -11.47
C GLU A 174 13.88 1.22 -12.67
N VAL A 175 12.77 1.94 -12.48
CA VAL A 175 11.84 2.23 -13.57
C VAL A 175 12.47 3.19 -14.59
N SER A 176 13.19 4.20 -14.11
CA SER A 176 13.84 5.17 -14.99
C SER A 176 14.89 4.51 -15.88
N ARG A 177 15.65 3.57 -15.30
CA ARG A 177 16.67 2.83 -16.05
C ARG A 177 16.04 1.91 -17.10
N ARG A 178 14.97 1.24 -16.72
CA ARG A 178 14.29 0.29 -17.61
C ARG A 178 13.59 0.98 -18.77
N LEU A 179 13.03 2.17 -18.53
CA LEU A 179 12.29 2.92 -19.55
C LEU A 179 13.15 3.96 -20.27
N ALA A 180 14.45 3.98 -19.99
CA ALA A 180 15.38 4.92 -20.62
C ALA A 180 14.91 6.37 -20.47
N ALA A 181 14.54 6.74 -19.24
CA ALA A 181 14.04 8.08 -18.95
C ALA A 181 14.75 8.67 -17.73
N ASN A 182 14.55 9.97 -17.49
CA ASN A 182 15.14 10.65 -16.32
C ASN A 182 14.35 10.42 -15.06
N LEU A 183 14.99 10.65 -13.91
CA LEU A 183 14.34 10.49 -12.61
C LEU A 183 13.19 11.49 -12.46
N SER A 184 13.44 12.72 -12.90
CA SER A 184 12.41 13.76 -12.93
C SER A 184 11.17 13.30 -13.69
N THR A 185 11.41 12.64 -14.83
CA THR A 185 10.32 12.22 -15.71
C THR A 185 9.47 11.14 -15.07
N ILE A 186 10.10 10.13 -14.46
CA ILE A 186 9.37 9.02 -13.85
C ILE A 186 8.62 9.47 -12.60
N LYS A 187 9.24 10.39 -11.84
CA LYS A 187 8.60 10.92 -10.63
C LYS A 187 7.36 11.75 -10.99
N SER A 188 7.47 12.58 -12.02
CA SER A 188 6.34 13.34 -12.53
C SER A 188 5.25 12.42 -13.09
N ARG A 189 5.67 11.36 -13.76
CA ARG A 189 4.74 10.44 -14.40
C ARG A 189 3.97 9.60 -13.38
N MET A 190 4.67 9.14 -12.34
CA MET A 190 4.03 8.43 -11.24
C MET A 190 3.00 9.33 -10.55
N ARG A 191 3.37 10.59 -10.35
CA ARG A 191 2.46 11.60 -9.79
C ARG A 191 1.23 11.80 -10.66
N ASP A 192 1.45 11.90 -11.96
CA ASP A 192 0.35 12.08 -12.91
C ASP A 192 -0.61 10.90 -12.90
N ALA A 193 -0.05 9.68 -12.90
CA ALA A 193 -0.85 8.46 -12.86
C ALA A 193 -1.74 8.40 -11.63
N LEU A 194 -1.17 8.73 -10.47
CA LEU A 194 -1.92 8.74 -9.21
C LEU A 194 -2.95 9.87 -9.12
N ARG A 195 -2.68 11.00 -9.78
CA ARG A 195 -3.62 12.11 -9.82
C ARG A 195 -4.84 11.73 -10.65
N SER A 196 -4.60 11.16 -11.82
CA SER A 196 -5.67 10.68 -12.70
C SER A 196 -6.54 9.62 -12.02
N LEU A 197 -5.91 8.74 -11.25
CA LEU A 197 -6.63 7.72 -10.49
C LEU A 197 -7.47 8.34 -9.38
N ARG A 198 -6.85 9.24 -8.60
CA ARG A 198 -7.56 9.97 -7.55
C ARG A 198 -8.81 10.65 -8.12
N ASN A 199 -8.66 11.29 -9.28
CA ASN A 199 -9.77 11.99 -9.93
C ASN A 199 -10.85 11.05 -10.47
N CYS A 200 -10.43 10.00 -11.17
CA CYS A 200 -11.35 9.04 -11.77
C CYS A 200 -12.17 8.30 -10.70
N LEU A 201 -11.51 7.96 -9.60
CA LEU A 201 -12.16 7.24 -8.50
C LEU A 201 -13.06 8.14 -7.64
N ASP A 202 -12.94 9.45 -7.79
CA ASP A 202 -13.82 10.40 -7.12
C ASP A 202 -15.02 10.75 -8.00
N PHE B 7 9.84 21.42 -2.11
CA PHE B 7 9.36 21.39 -3.53
C PHE B 7 9.95 20.20 -4.28
N GLU B 8 11.26 20.02 -4.19
CA GLU B 8 11.93 18.82 -4.70
C GLU B 8 11.54 17.62 -3.84
N LEU B 9 11.54 17.82 -2.53
CA LEU B 9 11.15 16.77 -1.58
C LEU B 9 9.74 16.23 -1.88
N LEU B 10 8.84 17.10 -2.32
CA LEU B 10 7.48 16.71 -2.70
C LEU B 10 7.42 15.72 -3.86
N GLU B 11 8.46 15.70 -4.71
CA GLU B 11 8.52 14.78 -5.84
C GLU B 11 8.67 13.32 -5.38
N LEU B 12 9.28 13.13 -4.22
CA LEU B 12 9.51 11.80 -3.68
C LEU B 12 8.31 11.19 -2.94
N ALA B 13 7.29 12.01 -2.68
CA ALA B 13 6.13 11.56 -1.91
C ALA B 13 5.41 10.38 -2.56
N THR B 14 5.07 10.50 -3.84
CA THR B 14 4.34 9.45 -4.55
C THR B 14 5.15 8.14 -4.60
N PRO B 15 6.41 8.19 -5.08
CA PRO B 15 7.24 6.98 -5.03
C PRO B 15 7.35 6.37 -3.62
N TYR B 16 7.58 7.23 -2.63
CA TYR B 16 7.64 6.83 -1.22
C TYR B 16 6.36 6.09 -0.79
N ALA B 17 5.21 6.68 -1.13
CA ALA B 17 3.90 6.10 -0.77
C ALA B 17 3.62 4.75 -1.45
N LEU B 18 4.18 4.57 -2.64
CA LEU B 18 4.06 3.31 -3.36
C LEU B 18 5.11 2.27 -2.94
N ASN B 19 5.92 2.61 -1.94
CA ASN B 19 7.08 1.79 -1.54
C ASN B 19 8.03 1.59 -2.72
N ALA B 20 8.08 2.60 -3.60
CA ALA B 20 8.90 2.57 -4.80
C ALA B 20 10.23 3.29 -4.60
N VAL B 21 10.76 3.24 -3.38
CA VAL B 21 12.10 3.70 -3.08
C VAL B 21 12.83 2.56 -2.38
N SER B 22 14.16 2.56 -2.48
CA SER B 22 14.97 1.57 -1.76
C SER B 22 14.95 1.89 -0.28
N ASP B 23 15.29 0.89 0.54
CA ASP B 23 15.37 1.08 1.98
C ASP B 23 16.39 2.17 2.34
N ASP B 24 17.46 2.26 1.56
CA ASP B 24 18.45 3.33 1.73
C ASP B 24 17.78 4.70 1.53
N GLU B 25 17.15 4.88 0.37
CA GLU B 25 16.54 6.16 0.01
C GLU B 25 15.35 6.52 0.90
N ARG B 26 14.56 5.51 1.27
CA ARG B 26 13.47 5.71 2.22
C ARG B 26 13.96 6.37 3.51
N ALA B 27 15.06 5.86 4.05
CA ALA B 27 15.66 6.40 5.27
C ALA B 27 16.22 7.80 5.08
N ASP B 28 16.70 8.12 3.87
CA ASP B 28 17.14 9.47 3.54
C ASP B 28 15.97 10.44 3.45
N ILE B 29 14.85 9.97 2.92
CA ILE B 29 13.64 10.80 2.81
C ILE B 29 13.08 11.08 4.20
N ASP B 30 12.89 10.04 5.00
CA ASP B 30 12.44 10.18 6.40
C ASP B 30 13.33 11.18 7.14
N ARG B 31 14.63 11.04 6.96
CA ARG B 31 15.63 11.95 7.51
C ARG B 31 15.39 13.38 7.05
N ARG B 32 14.96 13.55 5.79
CA ARG B 32 14.75 14.88 5.20
C ARG B 32 13.43 15.55 5.58
N VAL B 33 12.34 14.79 5.69
CA VAL B 33 11.06 15.39 6.13
C VAL B 33 11.11 15.61 7.64
N ALA B 34 11.96 14.83 8.32
CA ALA B 34 12.23 15.04 9.74
C ALA B 34 12.86 16.41 9.98
N ALA B 35 13.71 16.86 9.05
CA ALA B 35 14.40 18.14 9.17
C ALA B 35 13.61 19.32 8.58
N ALA B 36 12.76 19.03 7.60
CA ALA B 36 12.03 20.07 6.87
C ALA B 36 11.12 20.89 7.79
N PRO B 37 10.84 22.16 7.39
CA PRO B 37 9.88 22.98 8.14
C PRO B 37 8.46 22.43 8.07
N SER B 38 7.64 22.78 9.07
CA SER B 38 6.32 22.17 9.25
C SER B 38 5.40 22.21 8.01
N PRO B 39 5.33 23.37 7.32
CA PRO B 39 4.50 23.43 6.11
C PRO B 39 4.95 22.50 4.99
N VAL B 40 6.27 22.31 4.86
CA VAL B 40 6.84 21.43 3.84
C VAL B 40 6.54 19.96 4.16
N ALA B 41 6.72 19.59 5.43
CA ALA B 41 6.48 18.22 5.88
C ALA B 41 5.01 17.83 5.79
N ALA B 42 4.11 18.78 6.02
CA ALA B 42 2.67 18.54 5.95
C ALA B 42 2.23 18.30 4.51
N ALA B 43 2.76 19.10 3.60
CA ALA B 43 2.49 18.93 2.17
C ALA B 43 2.91 17.55 1.68
N PHE B 44 4.10 17.12 2.12
CA PHE B 44 4.63 15.81 1.79
C PHE B 44 3.73 14.71 2.33
N ASN B 45 3.40 14.79 3.62
CA ASN B 45 2.57 13.77 4.28
C ASN B 45 1.15 13.72 3.72
N ASP B 46 0.62 14.87 3.33
CA ASP B 46 -0.71 14.92 2.71
C ASP B 46 -0.68 14.18 1.37
N GLU B 47 0.35 14.48 0.57
CA GLU B 47 0.64 13.74 -0.66
C GLU B 47 0.71 12.22 -0.43
N VAL B 48 1.60 11.82 0.46
CA VAL B 48 1.78 10.40 0.81
C VAL B 48 0.45 9.78 1.19
N ARG B 49 -0.28 10.42 2.09
CA ARG B 49 -1.57 9.92 2.54
C ARG B 49 -2.53 9.72 1.37
N ALA B 50 -2.69 10.77 0.56
CA ALA B 50 -3.60 10.73 -0.58
C ALA B 50 -3.33 9.55 -1.52
N VAL B 51 -2.05 9.25 -1.72
CA VAL B 51 -1.64 8.13 -2.56
C VAL B 51 -2.00 6.78 -1.92
N ARG B 52 -1.78 6.67 -0.61
CA ARG B 52 -2.07 5.42 0.11
C ARG B 52 -3.58 5.13 0.05
N GLU B 53 -4.39 6.18 0.23
CA GLU B 53 -5.85 6.04 0.20
C GLU B 53 -6.28 5.56 -1.18
N THR B 54 -5.77 6.22 -2.22
CA THR B 54 -6.06 5.85 -3.61
C THR B 54 -5.75 4.37 -3.86
N MET B 55 -4.58 3.92 -3.41
CA MET B 55 -4.19 2.53 -3.63
C MET B 55 -4.99 1.56 -2.78
N ALA B 56 -5.41 2.00 -1.59
CA ALA B 56 -6.32 1.20 -0.74
C ALA B 56 -7.67 0.99 -1.43
N VAL B 57 -8.14 2.02 -2.14
CA VAL B 57 -9.34 1.90 -2.97
C VAL B 57 -9.07 0.97 -4.15
N VAL B 58 -7.91 1.16 -4.79
CA VAL B 58 -7.52 0.37 -5.97
C VAL B 58 -7.41 -1.14 -5.68
N SER B 59 -7.12 -1.50 -4.43
CA SER B 59 -6.99 -2.91 -4.04
C SER B 59 -8.22 -3.77 -4.37
N ALA B 60 -9.38 -3.15 -4.52
CA ALA B 60 -10.60 -3.85 -4.94
C ALA B 60 -10.43 -4.60 -6.27
N ALA B 61 -9.52 -4.13 -7.11
CA ALA B 61 -9.29 -4.73 -8.42
C ALA B 61 -8.49 -6.04 -8.37
N THR B 62 -7.58 -6.15 -7.41
CA THR B 62 -6.71 -7.33 -7.28
C THR B 62 -7.20 -8.34 -6.24
N THR B 63 -8.45 -8.18 -5.80
CA THR B 63 -9.01 -8.98 -4.71
C THR B 63 -8.91 -10.49 -4.99
N ALA B 64 -8.75 -11.29 -3.94
CA ALA B 64 -8.70 -12.75 -4.05
C ALA B 64 -8.98 -13.40 -2.70
N GLU B 65 -9.75 -14.48 -2.71
CA GLU B 65 -10.21 -15.11 -1.48
C GLU B 65 -9.15 -16.07 -0.90
N PRO B 66 -8.76 -15.86 0.37
CA PRO B 66 -7.78 -16.73 1.02
C PRO B 66 -8.40 -18.04 1.48
N PRO B 67 -7.57 -19.06 1.76
CA PRO B 67 -8.10 -20.33 2.26
C PRO B 67 -8.56 -20.19 3.70
N ALA B 68 -9.58 -20.93 4.08
CA ALA B 68 -10.15 -20.85 5.43
C ALA B 68 -9.14 -21.20 6.53
N HIS B 69 -8.13 -22.01 6.22
CA HIS B 69 -7.14 -22.42 7.23
C HIS B 69 -6.28 -21.26 7.71
N LEU B 70 -6.15 -20.22 6.88
CA LEU B 70 -5.32 -19.07 7.23
C LEU B 70 -5.99 -18.25 8.35
N ARG B 71 -7.31 -18.13 8.30
CA ARG B 71 -8.07 -17.48 9.36
C ARG B 71 -7.80 -18.13 10.72
N THR B 72 -7.83 -19.47 10.76
CA THR B 72 -7.58 -20.23 11.98
C THR B 72 -6.24 -19.87 12.61
N ALA B 73 -5.18 -19.89 11.81
CA ALA B 73 -3.83 -19.62 12.30
C ALA B 73 -3.63 -18.15 12.68
N ILE B 74 -4.29 -17.24 11.96
CA ILE B 74 -4.18 -15.81 12.23
C ILE B 74 -4.84 -15.42 13.56
N LEU B 75 -6.07 -15.87 13.77
CA LEU B 75 -6.80 -15.57 15.01
C LEU B 75 -6.14 -16.25 16.22
N ASP B 76 -5.49 -17.39 15.99
CA ASP B 76 -4.83 -18.13 17.07
C ASP B 76 -3.51 -17.50 17.49
N ALA B 77 -2.84 -16.82 16.55
CA ALA B 77 -1.54 -16.21 16.82
C ALA B 77 -1.60 -15.07 17.84
N THR B 78 -2.81 -14.61 18.16
CA THR B 78 -3.00 -13.57 19.18
C THR B 78 -2.72 -14.04 20.61
N LYS B 79 -2.64 -15.35 20.81
CA LYS B 79 -2.51 -15.95 22.15
C LYS B 79 -1.10 -16.48 22.36
#